data_6E0I
#
_entry.id   6E0I
#
_cell.length_a   66.450
_cell.length_b   85.340
_cell.length_c   85.860
_cell.angle_alpha   90.00
_cell.angle_beta   90.00
_cell.angle_gamma   90.00
#
_symmetry.space_group_name_H-M   'P 21 21 21'
#
loop_
_entity.id
_entity.type
_entity.pdbx_description
1 polymer Glucokinase
2 non-polymer alpha-D-glucopyranose
3 non-polymer 'DIMETHYL SULFOXIDE'
4 non-polymer '1-{4-[5-({3-[(2-methylpyridin-3-yl)oxy]-5-[(pyridin-2-yl)sulfanyl]pyridin-2-yl}amino)-1,2,4-thiadiazol-3-yl]piperidin-1 -yl}ethan-1-one'
5 water water
#
_entity_poly.entity_id   1
_entity_poly.type   'polypeptide(L)'
_entity_poly.pdbx_seq_one_letter_code
;MLDDRARMEAAKKEKVEQILAEFQLQEEDLKKVMRRMQKEMDRGLRLETHEEASVKMLPTYVRSTPEGSEVGDFLSLDLG
GTNFRVMLVKVGEGEEGQWSVKTKHQMYSIPEDAMTGTAEMLFDYISECISDFLDKHQMKHKKLPLGFTFSFPVRHEDID
KGILLNWTKGFKASGAEGNNVVGLLRDAIKRRGDFEMDVVAMVNDTVATMISCYYEDHQCEVGMIVGTGCNACYMEEMQN
VELVEGDEGRMCVNTEWGAFGDSGELDEFLLEYDRLVDESSANPGQQLYEKLIGGKYMGELVRLVLLRLVDENLLFHGEA
SEQLRTRGAFETRFVSQVESDTGDRKQIYNILSTLGLRPSTTDCDIVRRACESVSTRAAHMCSAGLAGVINRMRESRSED
VMRITVGVDGSVYKLHPSFKERFHASVRRLTPSCEITFIESEEGSGRGAALVSAVACK
;
_entity_poly.pdbx_strand_id   A
#
loop_
_chem_comp.id
_chem_comp.type
_chem_comp.name
_chem_comp.formula
DMS non-polymer 'DIMETHYL SULFOXIDE' 'C2 H6 O S'
GLC D-saccharide, alpha linking alpha-D-glucopyranose 'C6 H12 O6'
HKG non-polymer '1-{4-[5-({3-[(2-methylpyridin-3-yl)oxy]-5-[(pyridin-2-yl)sulfanyl]pyridin-2-yl}amino)-1,2,4-thiadiazol-3-yl]piperidin-1 -yl}ethan-1-one' 'C25 H25 N7 O2 S2'
#
# COMPACT_ATOMS: atom_id res chain seq x y z
N MET A 1 -37.95 15.41 -28.51
CA MET A 1 -37.58 14.65 -29.75
C MET A 1 -36.19 14.04 -29.59
N LEU A 2 -35.86 13.11 -30.48
CA LEU A 2 -34.54 12.48 -30.58
C LEU A 2 -33.38 13.48 -30.53
N ASP A 3 -33.46 14.55 -31.31
CA ASP A 3 -32.38 15.54 -31.43
C ASP A 3 -32.19 16.42 -30.18
N ASP A 4 -33.28 16.68 -29.46
CA ASP A 4 -33.22 17.41 -28.18
C ASP A 4 -32.48 16.58 -27.14
N ARG A 5 -32.90 15.32 -26.99
CA ARG A 5 -32.23 14.34 -26.13
C ARG A 5 -30.73 14.17 -26.50
N ALA A 6 -30.43 14.06 -27.79
CA ALA A 6 -29.05 13.97 -28.29
C ALA A 6 -28.21 15.20 -27.94
N ARG A 7 -28.79 16.40 -28.13
CA ARG A 7 -28.13 17.65 -27.74
C ARG A 7 -27.87 17.72 -26.23
N MET A 8 -28.88 17.32 -25.45
CA MET A 8 -28.76 17.21 -23.99
C MET A 8 -27.61 16.29 -23.57
N GLU A 9 -27.56 15.09 -24.17
CA GLU A 9 -26.52 14.11 -23.85
C GLU A 9 -25.11 14.56 -24.21
N ALA A 10 -24.97 15.20 -25.37
CA ALA A 10 -23.69 15.74 -25.85
C ALA A 10 -23.17 16.85 -24.93
N ALA A 11 -24.06 17.77 -24.56
CA ALA A 11 -23.71 18.88 -23.66
C ALA A 11 -23.28 18.39 -22.27
N LYS A 12 -24.00 17.39 -21.77
CA LYS A 12 -23.74 16.79 -20.46
C LYS A 12 -22.39 16.05 -20.46
N LYS A 13 -22.13 15.28 -21.50
CA LYS A 13 -20.85 14.55 -21.69
C LYS A 13 -19.67 15.52 -21.69
N GLU A 14 -19.81 16.64 -22.39
CA GLU A 14 -18.78 17.68 -22.48
C GLU A 14 -18.47 18.31 -21.11
N LYS A 15 -19.51 18.59 -20.33
CA LYS A 15 -19.37 19.16 -18.98
C LYS A 15 -18.69 18.20 -18.00
N VAL A 16 -19.05 16.92 -18.09
CA VAL A 16 -18.41 15.85 -17.31
C VAL A 16 -16.92 15.78 -17.63
N GLU A 17 -16.58 15.74 -18.92
CA GLU A 17 -15.18 15.65 -19.37
C GLU A 17 -14.34 16.86 -18.93
N GLN A 18 -14.94 18.04 -18.93
CA GLN A 18 -14.28 19.25 -18.42
C GLN A 18 -13.93 19.15 -16.94
N ILE A 19 -14.84 18.57 -16.15
CA ILE A 19 -14.60 18.32 -14.71
C ILE A 19 -13.52 17.26 -14.50
N LEU A 20 -13.61 16.16 -15.24
CA LEU A 20 -12.69 15.03 -15.10
C LEU A 20 -11.27 15.30 -15.61
N ALA A 21 -11.15 16.25 -16.55
CA ALA A 21 -9.86 16.70 -17.10
C ALA A 21 -8.89 17.22 -16.04
N GLU A 22 -9.41 17.64 -14.88
CA GLU A 22 -8.59 18.09 -13.76
C GLU A 22 -7.64 17.00 -13.22
N PHE A 23 -8.03 15.74 -13.40
CA PHE A 23 -7.23 14.57 -12.98
C PHE A 23 -6.04 14.24 -13.88
N GLN A 24 -6.00 14.86 -15.07
CA GLN A 24 -4.91 14.64 -16.03
C GLN A 24 -3.55 15.06 -15.47
N LEU A 25 -2.55 14.26 -15.79
CA LEU A 25 -1.15 14.58 -15.52
C LEU A 25 -0.35 14.30 -16.77
N GLN A 26 0.30 15.36 -17.28
CA GLN A 26 1.17 15.24 -18.45
C GLN A 26 2.47 14.55 -18.06
N GLU A 27 3.19 14.05 -19.07
CA GLU A 27 4.50 13.42 -18.86
C GLU A 27 5.46 14.29 -18.05
N GLU A 28 5.46 15.60 -18.33
CA GLU A 28 6.30 16.57 -17.61
C GLU A 28 5.90 16.74 -16.13
N ASP A 29 4.61 16.61 -15.83
CA ASP A 29 4.12 16.61 -14.44
C ASP A 29 4.66 15.42 -13.67
N LEU A 30 4.63 14.25 -14.30
CA LEU A 30 5.14 13.01 -13.70
C LEU A 30 6.64 13.07 -13.47
N LYS A 31 7.38 13.59 -14.46
CA LYS A 31 8.83 13.79 -14.33
C LYS A 31 9.19 14.76 -13.21
N LYS A 32 8.36 15.80 -13.04
CA LYS A 32 8.51 16.75 -11.94
C LYS A 32 8.31 16.08 -10.59
N VAL A 33 7.21 15.32 -10.45
CA VAL A 33 6.93 14.49 -9.24
C VAL A 33 8.10 13.54 -8.96
N MET A 34 8.51 12.79 -9.98
CA MET A 34 9.62 11.84 -9.90
C MET A 34 10.90 12.48 -9.37
N ARG A 35 11.27 13.65 -9.93
CA ARG A 35 12.50 14.36 -9.53
C ARG A 35 12.45 14.84 -8.07
N ARG A 36 11.29 15.36 -7.65
CA ARG A 36 11.08 15.78 -6.27
C ARG A 36 11.18 14.60 -5.30
N MET A 37 10.62 13.45 -5.71
CA MET A 37 10.68 12.23 -4.91
C MET A 37 12.11 11.73 -4.75
N GLN A 38 12.85 11.69 -5.86
CA GLN A 38 14.28 11.32 -5.86
C GLN A 38 15.10 12.15 -4.88
N LYS A 39 14.85 13.46 -4.88
CA LYS A 39 15.52 14.40 -3.97
C LYS A 39 15.19 14.10 -2.51
N GLU A 40 13.92 13.76 -2.24
CA GLU A 40 13.51 13.38 -0.88
C GLU A 40 14.10 12.06 -0.43
N MET A 41 14.22 11.10 -1.36
CA MET A 41 14.84 9.80 -1.10
C MET A 41 16.32 9.95 -0.71
N ASP A 42 17.06 10.80 -1.43
CA ASP A 42 18.46 11.09 -1.09
C ASP A 42 18.56 11.72 0.30
N ARG A 43 17.64 12.66 0.59
CA ARG A 43 17.59 13.34 1.88
C ARG A 43 17.27 12.42 3.07
N GLY A 44 16.37 11.46 2.85
CA GLY A 44 16.01 10.46 3.87
C GLY A 44 17.15 9.53 4.27
N LEU A 45 18.04 9.24 3.33
CA LEU A 45 19.17 8.34 3.54
C LEU A 45 20.33 8.95 4.33
N ARG A 46 20.43 10.27 4.29
CA ARG A 46 21.57 11.01 4.86
C ARG A 46 21.35 11.35 6.33
N LEU A 47 22.39 11.15 7.14
CA LEU A 47 22.36 11.47 8.58
C LEU A 47 21.98 12.92 8.88
N GLU A 48 22.49 13.85 8.06
CA GLU A 48 22.25 15.29 8.22
C GLU A 48 20.79 15.69 8.00
N THR A 49 20.11 15.01 7.07
CA THR A 49 18.79 15.43 6.61
C THR A 49 17.63 14.48 6.91
N HIS A 50 17.94 13.32 7.50
CA HIS A 50 16.93 12.28 7.78
C HIS A 50 15.73 12.81 8.59
N GLU A 51 16.01 13.57 9.65
CA GLU A 51 14.96 14.10 10.53
C GLU A 51 14.05 15.14 9.87
N GLU A 52 14.55 15.80 8.82
CA GLU A 52 13.77 16.81 8.09
C GLU A 52 13.19 16.31 6.75
N ALA A 53 13.47 15.06 6.40
CA ALA A 53 12.96 14.46 5.16
C ALA A 53 11.52 13.95 5.35
N SER A 54 10.69 14.09 4.32
CA SER A 54 9.33 13.55 4.36
C SER A 54 9.28 12.07 3.96
N VAL A 55 10.28 11.65 3.17
CA VAL A 55 10.45 10.25 2.76
C VAL A 55 11.57 9.68 3.63
N LYS A 56 11.21 8.84 4.60
CA LYS A 56 12.12 8.49 5.70
C LYS A 56 13.22 7.48 5.37
N MET A 57 13.01 6.64 4.35
CA MET A 57 14.05 5.72 3.85
C MET A 57 14.62 4.83 4.97
N LEU A 58 13.73 4.16 5.69
CA LEU A 58 14.09 3.49 6.94
C LEU A 58 14.87 2.20 6.70
N PRO A 59 16.04 2.05 7.37
CA PRO A 59 16.79 0.80 7.30
C PRO A 59 15.98 -0.35 7.91
N THR A 60 15.97 -1.49 7.22
CA THR A 60 15.17 -2.66 7.63
C THR A 60 15.99 -3.73 8.37
N TYR A 61 17.32 -3.65 8.24
CA TYR A 61 18.27 -4.67 8.72
C TYR A 61 18.20 -6.02 7.98
N VAL A 62 17.45 -6.06 6.88
CA VAL A 62 17.44 -7.18 5.94
C VAL A 62 18.57 -6.93 4.94
N ARG A 63 19.50 -7.88 4.87
CA ARG A 63 20.75 -7.72 4.13
C ARG A 63 20.91 -8.72 2.98
N SER A 64 21.79 -8.37 2.02
CA SER A 64 22.13 -9.23 0.89
C SER A 64 23.17 -10.31 1.18
N THR A 65 23.85 -10.20 2.33
CA THR A 65 25.06 -11.01 2.63
C THR A 65 24.91 -12.44 3.21
N PRO A 66 23.85 -12.73 4.01
CA PRO A 66 23.84 -14.01 4.75
C PRO A 66 23.87 -15.30 3.92
N SER A 69 21.04 -20.57 6.51
CA SER A 69 19.63 -20.49 6.86
C SER A 69 19.19 -21.68 7.71
N GLU A 70 18.48 -21.38 8.80
CA GLU A 70 17.93 -22.41 9.69
C GLU A 70 16.71 -23.09 9.06
N VAL A 71 16.41 -24.29 9.54
CA VAL A 71 15.28 -25.10 9.05
C VAL A 71 14.27 -25.39 10.16
N GLY A 72 13.03 -25.71 9.76
CA GLY A 72 11.98 -26.07 10.71
C GLY A 72 10.67 -25.31 10.52
N ASP A 73 9.89 -25.24 11.60
CA ASP A 73 8.58 -24.57 11.60
C ASP A 73 8.70 -23.11 12.05
N PHE A 74 8.02 -22.22 11.31
CA PHE A 74 8.06 -20.79 11.54
C PHE A 74 6.66 -20.20 11.55
N LEU A 75 6.37 -19.36 12.54
CA LEU A 75 5.10 -18.64 12.59
C LEU A 75 5.28 -17.25 12.01
N SER A 76 4.35 -16.87 11.12
CA SER A 76 4.32 -15.53 10.54
C SER A 76 3.02 -14.83 10.90
N LEU A 77 3.13 -13.56 11.29
CA LEU A 77 1.98 -12.70 11.55
C LEU A 77 1.96 -11.57 10.54
N ASP A 78 0.76 -11.06 10.24
CA ASP A 78 0.60 -9.91 9.34
C ASP A 78 -0.47 -8.94 9.83
N LEU A 79 -0.05 -7.74 10.22
CA LEU A 79 -0.96 -6.65 10.57
C LEU A 79 -0.71 -5.43 9.68
N GLY A 80 -1.78 -4.87 9.12
CA GLY A 80 -1.70 -3.60 8.38
C GLY A 80 -2.27 -3.57 6.97
N GLY A 81 -2.49 -4.74 6.38
CA GLY A 81 -3.07 -4.83 5.04
C GLY A 81 -4.59 -4.82 5.11
N THR A 82 -5.18 -6.01 4.97
CA THR A 82 -6.58 -6.23 5.29
C THR A 82 -6.64 -7.39 6.27
N ASN A 83 -7.32 -7.17 7.41
CA ASN A 83 -7.46 -8.18 8.48
C ASN A 83 -6.11 -8.51 9.15
N PHE A 84 -6.14 -9.45 10.10
CA PHE A 84 -4.93 -9.98 10.74
C PHE A 84 -4.69 -11.43 10.32
N ARG A 85 -3.47 -11.73 9.88
CA ARG A 85 -3.17 -13.05 9.29
C ARG A 85 -2.09 -13.79 10.08
N VAL A 86 -2.36 -15.08 10.34
CA VAL A 86 -1.41 -15.98 11.01
C VAL A 86 -1.09 -17.11 10.03
N MET A 87 0.19 -17.41 9.88
CA MET A 87 0.65 -18.44 8.96
C MET A 87 1.73 -19.31 9.62
N LEU A 88 1.63 -20.62 9.43
CA LEU A 88 2.69 -21.56 9.76
C LEU A 88 3.39 -21.92 8.47
N VAL A 89 4.71 -21.72 8.45
CA VAL A 89 5.50 -22.11 7.28
C VAL A 89 6.70 -22.98 7.66
N LYS A 90 6.85 -24.08 6.94
CA LYS A 90 7.95 -25.02 7.12
C LYS A 90 9.04 -24.69 6.12
N VAL A 91 10.24 -24.42 6.63
CA VAL A 91 11.42 -24.18 5.79
C VAL A 91 12.33 -25.41 5.90
N GLY A 92 12.63 -26.00 4.75
CA GLY A 92 13.49 -27.18 4.67
C GLY A 92 14.30 -27.22 3.39
N VAL A 101 9.39 -24.77 1.00
CA VAL A 101 8.38 -24.03 1.77
C VAL A 101 6.97 -24.63 1.64
N LYS A 102 6.37 -24.91 2.79
CA LYS A 102 5.04 -25.49 2.87
C LYS A 102 4.26 -24.73 3.96
N THR A 103 3.02 -24.35 3.65
CA THR A 103 2.28 -23.38 4.48
C THR A 103 0.96 -23.91 5.09
N LYS A 104 0.47 -23.18 6.09
CA LYS A 104 -0.83 -23.37 6.74
C LYS A 104 -1.25 -21.99 7.29
N HIS A 105 -2.52 -21.64 7.16
CA HIS A 105 -2.94 -20.22 7.31
C HIS A 105 -4.33 -19.99 7.90
N GLN A 106 -4.45 -18.88 8.65
CA GLN A 106 -5.74 -18.39 9.12
C GLN A 106 -5.78 -16.85 9.19
N MET A 107 -6.90 -16.28 8.74
CA MET A 107 -7.13 -14.84 8.85
C MET A 107 -8.23 -14.51 9.86
N TYR A 108 -8.10 -13.33 10.45
CA TYR A 108 -9.00 -12.86 11.50
C TYR A 108 -9.39 -11.41 11.22
N SER A 109 -10.70 -11.17 11.22
CA SER A 109 -11.24 -9.82 11.07
C SER A 109 -10.96 -9.04 12.35
N ILE A 110 -10.40 -7.84 12.19
CA ILE A 110 -10.09 -6.96 13.33
C ILE A 110 -11.31 -6.11 13.67
N PRO A 111 -11.80 -6.18 14.94
CA PRO A 111 -12.89 -5.31 15.39
C PRO A 111 -12.49 -3.83 15.36
N GLU A 112 -13.47 -2.97 15.06
CA GLU A 112 -13.25 -1.52 14.91
C GLU A 112 -12.60 -0.86 16.13
N ASP A 113 -13.01 -1.29 17.33
CA ASP A 113 -12.48 -0.74 18.59
C ASP A 113 -11.05 -1.22 18.91
N ALA A 114 -10.59 -2.28 18.25
CA ALA A 114 -9.21 -2.74 18.36
C ALA A 114 -8.25 -1.88 17.54
N MET A 115 -8.73 -1.36 16.41
CA MET A 115 -7.95 -0.47 15.53
C MET A 115 -7.85 0.97 16.03
N THR A 116 -8.84 1.41 16.80
CA THR A 116 -8.94 2.81 17.25
C THR A 116 -9.00 2.99 18.78
N GLY A 117 -8.87 1.89 19.52
CA GLY A 117 -8.85 1.92 20.99
C GLY A 117 -7.44 2.10 21.52
N THR A 118 -7.02 1.21 22.43
CA THR A 118 -5.67 1.23 22.99
C THR A 118 -4.78 0.19 22.29
N ALA A 119 -3.46 0.39 22.38
CA ALA A 119 -2.47 -0.58 21.92
C ALA A 119 -2.62 -1.92 22.66
N GLU A 120 -2.91 -1.83 23.97
CA GLU A 120 -3.18 -3.01 24.80
C GLU A 120 -4.31 -3.86 24.19
N MET A 121 -5.42 -3.21 23.82
CA MET A 121 -6.56 -3.87 23.17
C MET A 121 -6.17 -4.54 21.85
N LEU A 122 -5.41 -3.83 21.02
CA LEU A 122 -5.00 -4.35 19.71
C LEU A 122 -4.11 -5.58 19.82
N PHE A 123 -3.10 -5.49 20.69
CA PHE A 123 -2.13 -6.58 20.83
C PHE A 123 -2.66 -7.77 21.62
N ASP A 124 -3.58 -7.51 22.56
CA ASP A 124 -4.37 -8.57 23.22
C ASP A 124 -5.17 -9.37 22.18
N TYR A 125 -5.81 -8.66 21.24
CA TYR A 125 -6.58 -9.30 20.16
C TYR A 125 -5.69 -10.16 19.27
N ILE A 126 -4.54 -9.61 18.86
CA ILE A 126 -3.49 -10.35 18.15
C ILE A 126 -3.14 -11.64 18.89
N SER A 127 -2.86 -11.51 20.19
CA SER A 127 -2.53 -12.64 21.06
C SER A 127 -3.64 -13.68 21.13
N GLU A 128 -4.89 -13.21 21.23
CA GLU A 128 -6.07 -14.07 21.19
C GLU A 128 -6.14 -14.87 19.88
N CYS A 129 -5.86 -14.20 18.75
CA CYS A 129 -5.84 -14.83 17.43
C CYS A 129 -4.76 -15.89 17.28
N ILE A 130 -3.56 -15.62 17.80
CA ILE A 130 -2.46 -16.61 17.78
C ILE A 130 -2.87 -17.85 18.58
N SER A 131 -3.47 -17.62 19.76
CA SER A 131 -4.00 -18.70 20.59
C SER A 131 -5.01 -19.58 19.85
N ASP A 132 -5.95 -18.94 19.14
CA ASP A 132 -6.93 -19.64 18.30
C ASP A 132 -6.29 -20.51 17.21
N PHE A 133 -5.30 -19.94 16.51
CA PHE A 133 -4.57 -20.64 15.43
C PHE A 133 -3.84 -21.88 15.95
N LEU A 134 -3.18 -21.73 17.09
CA LEU A 134 -2.39 -22.80 17.69
C LEU A 134 -3.24 -23.97 18.18
N ASP A 135 -4.45 -23.66 18.66
CA ASP A 135 -5.44 -24.68 19.05
C ASP A 135 -5.94 -25.48 17.85
N LYS A 136 -6.21 -24.78 16.74
CA LYS A 136 -6.67 -25.38 15.49
C LYS A 136 -5.70 -26.39 14.88
N HIS A 137 -4.41 -26.24 15.22
CA HIS A 137 -3.36 -27.09 14.67
C HIS A 137 -2.61 -27.89 15.75
N GLN A 138 -3.21 -27.93 16.95
CA GLN A 138 -2.74 -28.73 18.10
C GLN A 138 -1.26 -28.48 18.45
N MET A 139 -0.90 -27.20 18.54
CA MET A 139 0.50 -26.80 18.70
C MET A 139 0.71 -25.62 19.65
N LYS A 140 -0.22 -25.43 20.60
CA LYS A 140 -0.10 -24.38 21.62
C LYS A 140 1.03 -24.65 22.64
N HIS A 141 1.48 -25.90 22.67
CA HIS A 141 2.64 -26.33 23.48
C HIS A 141 3.99 -26.02 22.81
N LYS A 142 3.96 -25.80 21.49
CA LYS A 142 5.16 -25.52 20.71
C LYS A 142 5.58 -24.04 20.80
N LYS A 143 6.86 -23.82 21.09
CA LYS A 143 7.45 -22.49 21.11
C LYS A 143 8.26 -22.30 19.82
N LEU A 144 7.78 -21.41 18.95
CA LEU A 144 8.36 -21.25 17.62
C LEU A 144 9.00 -19.88 17.38
N PRO A 145 10.02 -19.83 16.49
CA PRO A 145 10.50 -18.54 15.95
C PRO A 145 9.38 -17.85 15.17
N LEU A 146 9.20 -16.55 15.43
CA LEU A 146 8.09 -15.77 14.88
C LEU A 146 8.60 -14.55 14.12
N GLY A 147 8.07 -14.38 12.92
CA GLY A 147 8.27 -13.16 12.12
C GLY A 147 6.99 -12.36 12.05
N PHE A 148 7.11 -11.05 12.26
CA PHE A 148 5.98 -10.15 12.32
C PHE A 148 6.01 -9.17 11.15
N THR A 149 5.14 -9.42 10.17
CA THR A 149 4.90 -8.42 9.13
C THR A 149 3.99 -7.34 9.75
N PHE A 150 4.58 -6.17 9.93
CA PHE A 150 3.93 -5.03 10.58
C PHE A 150 4.02 -3.85 9.61
N SER A 151 2.89 -3.51 9.01
CA SER A 151 2.87 -2.67 7.81
C SER A 151 2.71 -1.18 8.10
N PHE A 152 3.66 -0.66 8.86
CA PHE A 152 3.65 0.73 9.34
C PHE A 152 5.09 1.22 9.46
N PRO A 153 5.33 2.55 9.42
CA PRO A 153 6.71 3.05 9.53
C PRO A 153 7.36 2.75 10.88
N VAL A 154 8.50 2.08 10.82
CA VAL A 154 9.25 1.63 12.00
C VAL A 154 10.72 2.06 11.91
N ARG A 155 11.20 2.72 12.96
CA ARG A 155 12.63 2.98 13.13
C ARG A 155 13.30 1.80 13.85
N HIS A 156 14.06 1.02 13.09
CA HIS A 156 14.71 -0.20 13.56
C HIS A 156 16.03 0.08 14.27
N GLU A 157 16.28 -0.67 15.34
CA GLU A 157 17.62 -0.77 15.96
C GLU A 157 18.28 -2.06 15.51
N ASP A 158 17.44 -3.06 15.19
CA ASP A 158 17.86 -4.32 14.61
C ASP A 158 16.65 -4.96 13.92
N ILE A 159 16.84 -6.17 13.38
CA ILE A 159 15.78 -6.93 12.73
C ILE A 159 14.59 -7.24 13.68
N ASP A 160 14.89 -7.30 14.98
CA ASP A 160 13.95 -7.75 16.00
C ASP A 160 13.58 -6.65 17.01
N LYS A 161 13.94 -5.40 16.69
CA LYS A 161 13.64 -4.27 17.56
C LYS A 161 13.44 -2.99 16.75
N GLY A 162 12.31 -2.34 16.99
CA GLY A 162 11.99 -1.10 16.31
C GLY A 162 10.77 -0.39 16.84
N ILE A 163 10.84 0.94 16.87
CA ILE A 163 9.75 1.77 17.38
C ILE A 163 8.77 2.20 16.28
N LEU A 164 7.48 2.19 16.60
CA LEU A 164 6.47 2.72 15.71
C LEU A 164 6.59 4.23 15.67
N LEU A 165 6.83 4.75 14.47
CA LEU A 165 6.95 6.20 14.28
C LEU A 165 5.58 6.89 14.31
N ASN A 166 4.65 6.35 13.53
CA ASN A 166 3.24 6.77 13.55
C ASN A 166 2.36 5.74 12.84
N TRP A 167 1.12 5.62 13.31
CA TRP A 167 0.11 4.81 12.62
C TRP A 167 -0.22 5.44 11.26
N THR A 168 -0.66 4.59 10.33
CA THR A 168 -1.18 5.01 9.02
C THR A 168 -2.43 4.19 8.73
N LYS A 169 -3.11 4.52 7.62
CA LYS A 169 -4.27 3.76 7.10
C LYS A 169 -5.46 3.63 8.07
N GLY A 170 -5.63 4.62 8.94
CA GLY A 170 -6.78 4.66 9.84
C GLY A 170 -6.58 4.02 11.21
N PHE A 171 -5.42 3.41 11.42
CA PHE A 171 -5.03 2.90 12.74
C PHE A 171 -4.81 4.09 13.68
N LYS A 172 -5.29 3.96 14.91
CA LYS A 172 -5.27 5.07 15.88
C LYS A 172 -4.92 4.62 17.31
N ALA A 173 -4.56 3.35 17.46
CA ALA A 173 -4.36 2.73 18.79
C ALA A 173 -3.38 3.50 19.69
N SER A 174 -3.91 4.03 20.79
CA SER A 174 -3.13 4.85 21.74
C SER A 174 -2.06 4.04 22.48
N GLY A 175 -0.94 4.68 22.76
CA GLY A 175 0.15 4.07 23.53
C GLY A 175 1.03 3.12 22.74
N ALA A 176 1.06 3.28 21.42
CA ALA A 176 1.90 2.46 20.54
C ALA A 176 3.03 3.26 19.89
N GLU A 177 2.71 4.48 19.45
CA GLU A 177 3.68 5.37 18.80
C GLU A 177 4.81 5.75 19.74
N GLY A 178 6.04 5.58 19.25
CA GLY A 178 7.26 5.81 20.03
C GLY A 178 7.75 4.61 20.82
N ASN A 179 7.03 3.50 20.75
CA ASN A 179 7.35 2.27 21.49
C ASN A 179 7.78 1.12 20.60
N ASN A 180 8.61 0.24 21.17
CA ASN A 180 9.08 -0.98 20.52
C ASN A 180 7.90 -1.90 20.22
N VAL A 181 7.62 -2.08 18.93
CA VAL A 181 6.49 -2.87 18.42
C VAL A 181 6.65 -4.36 18.81
N VAL A 182 7.88 -4.85 18.73
CA VAL A 182 8.21 -6.22 19.16
C VAL A 182 7.97 -6.37 20.67
N GLY A 183 8.33 -5.32 21.43
CA GLY A 183 7.99 -5.23 22.85
C GLY A 183 6.49 -5.26 23.13
N LEU A 184 5.71 -4.49 22.36
CA LEU A 184 4.24 -4.50 22.46
C LEU A 184 3.66 -5.90 22.24
N LEU A 185 4.17 -6.61 21.25
CA LEU A 185 3.76 -7.99 20.96
C LEU A 185 4.16 -8.96 22.09
N ARG A 186 5.41 -8.88 22.52
CA ARG A 186 5.93 -9.73 23.60
C ARG A 186 5.16 -9.55 24.91
N ASP A 187 4.87 -8.29 25.26
CA ASP A 187 4.11 -7.94 26.47
C ASP A 187 2.71 -8.54 26.45
N ALA A 188 2.04 -8.46 25.28
CA ALA A 188 0.69 -9.01 25.10
C ALA A 188 0.67 -10.53 25.21
N ILE A 189 1.66 -11.20 24.62
CA ILE A 189 1.82 -12.66 24.72
C ILE A 189 1.99 -13.07 26.20
N LYS A 190 2.81 -12.32 26.94
CA LYS A 190 3.03 -12.55 28.37
C LYS A 190 1.77 -12.30 29.22
N ARG A 191 1.07 -11.19 28.95
CA ARG A 191 -0.18 -10.86 29.67
C ARG A 191 -1.22 -11.96 29.56
N ARG A 192 -1.32 -12.57 28.38
CA ARG A 192 -2.21 -13.71 28.15
C ARG A 192 -1.69 -14.98 28.81
N GLY A 193 -0.40 -15.28 28.61
CA GLY A 193 0.27 -16.44 29.23
C GLY A 193 -0.26 -17.78 28.79
N ASP A 194 -0.74 -17.85 27.55
CA ASP A 194 -1.43 -19.01 26.99
C ASP A 194 -0.52 -19.82 26.08
N PHE A 195 0.52 -19.17 25.56
CA PHE A 195 1.51 -19.76 24.67
C PHE A 195 2.81 -18.97 24.75
N GLU A 196 3.87 -19.53 24.18
CA GLU A 196 5.15 -18.84 24.09
C GLU A 196 5.66 -18.84 22.65
N MET A 197 6.26 -17.71 22.26
CA MET A 197 6.88 -17.54 20.95
C MET A 197 8.19 -16.78 21.08
N ASP A 198 9.14 -17.09 20.20
CA ASP A 198 10.40 -16.38 20.11
C ASP A 198 10.30 -15.41 18.93
N VAL A 199 10.04 -14.13 19.23
CA VAL A 199 9.94 -13.10 18.20
C VAL A 199 11.35 -12.76 17.72
N VAL A 200 11.63 -13.10 16.47
CA VAL A 200 12.99 -13.03 15.91
C VAL A 200 13.17 -11.98 14.79
N ALA A 201 12.06 -11.59 14.15
CA ALA A 201 12.10 -10.63 13.04
C ALA A 201 10.81 -9.82 12.92
N MET A 202 10.97 -8.56 12.56
CA MET A 202 9.86 -7.68 12.20
C MET A 202 10.17 -7.00 10.88
N VAL A 203 9.27 -7.18 9.92
CA VAL A 203 9.45 -6.66 8.55
C VAL A 203 8.22 -5.88 8.12
N ASN A 204 8.43 -4.91 7.23
CA ASN A 204 7.35 -4.22 6.54
C ASN A 204 6.76 -5.18 5.48
N ASP A 205 5.51 -4.98 5.08
CA ASP A 205 4.91 -5.78 4.00
C ASP A 205 5.61 -5.66 2.65
N THR A 206 6.17 -4.49 2.35
CA THR A 206 7.00 -4.33 1.15
C THR A 206 8.17 -5.34 1.15
N VAL A 207 8.83 -5.44 2.31
CA VAL A 207 10.00 -6.31 2.52
C VAL A 207 9.63 -7.79 2.44
N ALA A 208 8.53 -8.17 3.11
CA ALA A 208 7.99 -9.53 3.03
C ALA A 208 7.69 -9.94 1.57
N THR A 209 7.10 -9.01 0.82
CA THR A 209 6.81 -9.20 -0.62
C THR A 209 8.09 -9.38 -1.45
N MET A 210 9.07 -8.49 -1.25
CA MET A 210 10.34 -8.56 -1.96
C MET A 210 11.07 -9.89 -1.71
N ILE A 211 11.11 -10.33 -0.45
CA ILE A 211 11.78 -11.57 -0.06
C ILE A 211 11.08 -12.81 -0.64
N SER A 212 9.74 -12.84 -0.53
CA SER A 212 8.95 -13.94 -1.11
C SER A 212 9.10 -14.03 -2.63
N CYS A 213 9.20 -12.87 -3.28
CA CYS A 213 9.41 -12.80 -4.72
C CYS A 213 10.86 -13.13 -5.12
N TYR A 214 11.82 -12.66 -4.31
CA TYR A 214 13.23 -13.04 -4.44
C TYR A 214 13.42 -14.56 -4.44
N TYR A 215 12.70 -15.25 -3.55
CA TYR A 215 12.70 -16.71 -3.47
C TYR A 215 12.42 -17.39 -4.82
N GLU A 216 11.55 -16.78 -5.62
CA GLU A 216 11.23 -17.27 -6.98
C GLU A 216 12.19 -16.75 -8.05
N ASP A 217 12.66 -15.52 -7.88
CA ASP A 217 13.49 -14.81 -8.87
C ASP A 217 14.56 -13.98 -8.15
N HIS A 218 15.81 -14.44 -8.22
CA HIS A 218 16.93 -13.79 -7.52
C HIS A 218 17.30 -12.38 -7.99
N GLN A 219 16.70 -11.94 -9.11
CA GLN A 219 16.84 -10.55 -9.59
C GLN A 219 15.89 -9.58 -8.87
N CYS A 220 15.00 -10.11 -8.04
CA CYS A 220 14.05 -9.27 -7.29
C CYS A 220 14.74 -8.52 -6.15
N GLU A 221 14.86 -7.21 -6.32
CA GLU A 221 15.49 -6.34 -5.34
C GLU A 221 14.63 -5.11 -5.03
N VAL A 222 13.37 -5.15 -5.45
CA VAL A 222 12.36 -4.13 -5.14
C VAL A 222 11.06 -4.83 -4.71
N GLY A 223 10.48 -4.36 -3.61
CA GLY A 223 9.14 -4.77 -3.19
C GLY A 223 8.20 -3.58 -3.17
N MET A 224 6.98 -3.77 -3.68
CA MET A 224 5.98 -2.69 -3.73
C MET A 224 4.60 -3.20 -3.33
N ILE A 225 3.88 -2.37 -2.59
CA ILE A 225 2.50 -2.66 -2.21
C ILE A 225 1.59 -1.57 -2.79
N VAL A 226 0.58 -1.98 -3.55
CA VAL A 226 -0.53 -1.09 -3.90
C VAL A 226 -1.81 -1.79 -3.46
N GLY A 227 -2.13 -1.64 -2.17
CA GLY A 227 -3.33 -2.25 -1.57
C GLY A 227 -4.10 -1.19 -0.83
N THR A 228 -4.36 -1.43 0.46
CA THR A 228 -4.96 -0.42 1.36
C THR A 228 -4.08 0.84 1.36
N GLY A 229 -2.77 0.64 1.54
CA GLY A 229 -1.78 1.71 1.42
C GLY A 229 -0.89 1.54 0.20
N CYS A 230 0.08 2.43 0.08
CA CYS A 230 1.04 2.40 -1.02
C CYS A 230 2.43 2.74 -0.52
N ASN A 231 3.37 1.84 -0.79
CA ASN A 231 4.75 1.94 -0.29
C ASN A 231 5.65 1.04 -1.14
N ALA A 232 6.96 1.29 -1.05
CA ALA A 232 7.96 0.43 -1.67
C ALA A 232 9.23 0.30 -0.83
N CYS A 233 9.92 -0.82 -0.99
CA CYS A 233 11.26 -1.03 -0.46
C CYS A 233 12.20 -1.45 -1.59
N TYR A 234 13.50 -1.29 -1.38
CA TYR A 234 14.51 -1.67 -2.36
C TYR A 234 15.86 -1.93 -1.69
N MET A 235 16.72 -2.65 -2.39
CA MET A 235 18.05 -2.99 -1.92
C MET A 235 19.04 -1.85 -2.20
N GLU A 236 19.35 -1.08 -1.18
CA GLU A 236 20.28 0.05 -1.29
C GLU A 236 21.70 -0.42 -0.95
N GLU A 237 22.69 0.24 -1.55
CA GLU A 237 24.11 0.08 -1.19
C GLU A 237 24.30 0.52 0.24
N MET A 238 24.95 -0.31 1.04
CA MET A 238 25.20 0.00 2.46
C MET A 238 25.95 1.30 2.68
N GLN A 239 26.83 1.66 1.75
CA GLN A 239 27.53 2.96 1.78
C GLN A 239 26.59 4.16 1.77
N ASN A 240 25.43 4.00 1.12
CA ASN A 240 24.41 5.06 1.03
C ASN A 240 23.44 5.08 2.22
N VAL A 241 23.36 3.96 2.94
CA VAL A 241 22.54 3.85 4.15
C VAL A 241 23.36 4.40 5.32
N GLU A 242 23.39 5.72 5.46
CA GLU A 242 24.21 6.40 6.47
C GLU A 242 23.77 6.12 7.91
N LEU A 243 22.50 5.79 8.09
CA LEU A 243 21.91 5.50 9.40
C LEU A 243 22.34 4.16 10.01
N VAL A 244 23.04 3.33 9.23
CA VAL A 244 23.62 2.07 9.72
C VAL A 244 25.11 2.03 9.39
N GLU A 245 25.94 1.88 10.42
CA GLU A 245 27.40 1.77 10.26
C GLU A 245 27.76 0.57 9.37
N GLY A 246 28.62 0.81 8.38
CA GLY A 246 29.06 -0.23 7.44
C GLY A 246 28.79 0.14 6.00
N ASP A 247 29.66 -0.32 5.10
CA ASP A 247 29.52 -0.04 3.66
C ASP A 247 29.64 -1.27 2.74
N GLU A 248 29.59 -2.47 3.32
CA GLU A 248 29.68 -3.69 2.53
C GLU A 248 28.31 -4.27 2.23
N GLY A 249 28.11 -4.64 0.96
CA GLY A 249 26.88 -5.26 0.49
C GLY A 249 25.69 -4.32 0.44
N ARG A 250 24.50 -4.90 0.53
CA ARG A 250 23.24 -4.15 0.40
C ARG A 250 22.33 -4.35 1.60
N MET A 251 21.51 -3.34 1.89
CA MET A 251 20.44 -3.45 2.87
C MET A 251 19.13 -2.94 2.28
N CYS A 252 18.05 -3.65 2.60
CA CYS A 252 16.72 -3.23 2.22
C CYS A 252 16.33 -1.95 2.97
N VAL A 253 15.80 -1.00 2.22
CA VAL A 253 15.39 0.30 2.74
C VAL A 253 13.89 0.45 2.51
N ASN A 254 13.16 0.76 3.57
CA ASN A 254 11.72 0.98 3.50
C ASN A 254 11.50 2.48 3.27
N THR A 255 11.16 2.85 2.03
CA THR A 255 11.06 4.26 1.65
C THR A 255 10.02 5.04 2.46
N GLU A 256 8.90 4.38 2.77
CA GLU A 256 7.69 5.03 3.31
C GLU A 256 7.30 6.23 2.43
N TRP A 257 7.26 5.99 1.12
CA TRP A 257 7.00 7.05 0.15
C TRP A 257 5.58 7.63 0.23
N GLY A 258 4.69 6.92 0.94
CA GLY A 258 3.33 7.39 1.17
C GLY A 258 3.27 8.76 1.81
N ALA A 259 4.28 9.07 2.64
CA ALA A 259 4.39 10.36 3.31
C ALA A 259 4.99 11.48 2.45
N PHE A 260 5.38 11.18 1.21
CA PHE A 260 5.79 12.24 0.29
C PHE A 260 4.65 13.22 0.08
N GLY A 261 4.95 14.51 0.12
CA GLY A 261 3.90 15.53 0.05
C GLY A 261 3.46 16.08 1.40
N ASP A 262 3.80 15.37 2.48
CA ASP A 262 3.44 15.80 3.85
C ASP A 262 4.14 17.09 4.30
N SER A 263 5.20 17.47 3.59
CA SER A 263 5.86 18.76 3.82
C SER A 263 5.57 19.77 2.70
N GLY A 264 4.55 19.49 1.90
CA GLY A 264 4.07 20.41 0.86
C GLY A 264 4.57 20.17 -0.55
N GLU A 265 5.27 19.06 -0.77
CA GLU A 265 5.94 18.77 -2.05
C GLU A 265 5.01 18.47 -3.23
N LEU A 266 3.73 18.21 -2.93
CA LEU A 266 2.72 17.90 -3.95
C LEU A 266 1.63 18.97 -4.10
N ASP A 267 1.77 20.08 -3.38
CA ASP A 267 0.71 21.09 -3.24
C ASP A 267 0.01 21.48 -4.54
N GLU A 268 0.77 21.74 -5.60
CA GLU A 268 0.20 22.15 -6.89
C GLU A 268 -0.63 21.07 -7.60
N PHE A 269 -0.44 19.81 -7.20
CA PHE A 269 -1.16 18.68 -7.82
C PHE A 269 -2.43 18.27 -7.09
N LEU A 270 -2.64 18.80 -5.88
CA LEU A 270 -3.76 18.40 -5.04
C LEU A 270 -5.07 19.06 -5.51
N LEU A 271 -6.11 18.24 -5.65
CA LEU A 271 -7.42 18.68 -6.09
C LEU A 271 -8.34 18.84 -4.88
N GLU A 272 -9.51 19.45 -5.07
CA GLU A 272 -10.48 19.62 -4.00
C GLU A 272 -10.87 18.27 -3.36
N TYR A 273 -11.01 17.24 -4.21
CA TYR A 273 -11.35 15.89 -3.75
C TYR A 273 -10.27 15.31 -2.82
N ASP A 274 -9.00 15.61 -3.13
CA ASP A 274 -7.86 15.20 -2.30
C ASP A 274 -7.85 15.89 -0.93
N ARG A 275 -8.17 17.18 -0.93
CA ARG A 275 -8.25 17.97 0.31
C ARG A 275 -9.37 17.47 1.21
N LEU A 276 -10.52 17.13 0.61
CA LEU A 276 -11.66 16.59 1.34
C LEU A 276 -11.39 15.21 1.94
N VAL A 277 -10.78 14.32 1.16
CA VAL A 277 -10.35 13.00 1.64
C VAL A 277 -9.40 13.14 2.83
N ASP A 278 -8.41 14.02 2.67
CA ASP A 278 -7.41 14.27 3.72
C ASP A 278 -8.04 14.83 5.01
N GLU A 279 -8.92 15.81 4.87
CA GLU A 279 -9.55 16.47 6.01
C GLU A 279 -10.49 15.55 6.81
N SER A 280 -11.12 14.59 6.13
CA SER A 280 -12.02 13.62 6.77
C SER A 280 -11.30 12.33 7.24
N SER A 281 -10.00 12.22 6.97
CA SER A 281 -9.22 11.03 7.33
C SER A 281 -8.81 11.02 8.80
N ALA A 282 -8.39 9.84 9.27
CA ALA A 282 -7.85 9.67 10.64
C ALA A 282 -6.50 10.38 10.84
N ASN A 283 -5.79 10.64 9.74
CA ASN A 283 -4.47 11.28 9.76
C ASN A 283 -4.40 12.53 8.85
N PRO A 284 -5.12 13.62 9.21
CA PRO A 284 -5.13 14.81 8.32
C PRO A 284 -3.75 15.43 8.14
N GLY A 285 -3.40 15.71 6.89
CA GLY A 285 -2.10 16.32 6.55
C GLY A 285 -0.98 15.32 6.38
N GLN A 286 -1.27 14.03 6.59
CA GLN A 286 -0.27 12.95 6.49
C GLN A 286 -0.61 11.91 5.42
N GLN A 287 0.42 11.21 4.95
CA GLN A 287 0.31 10.20 3.88
C GLN A 287 -0.36 10.73 2.59
N LEU A 288 -0.02 11.96 2.22
CA LEU A 288 -0.67 12.65 1.09
C LEU A 288 -0.47 11.98 -0.28
N TYR A 289 0.73 11.47 -0.54
CA TYR A 289 1.02 10.72 -1.76
C TYR A 289 0.22 9.41 -1.81
N GLU A 290 0.20 8.71 -0.69
CA GLU A 290 -0.59 7.47 -0.54
C GLU A 290 -2.09 7.71 -0.75
N LYS A 291 -2.57 8.85 -0.27
CA LYS A 291 -3.97 9.25 -0.44
C LYS A 291 -4.40 9.48 -1.89
N LEU A 292 -3.43 9.63 -2.79
CA LEU A 292 -3.68 9.70 -4.24
C LEU A 292 -3.81 8.33 -4.92
N ILE A 293 -3.37 7.28 -4.22
CA ILE A 293 -3.15 5.96 -4.84
C ILE A 293 -3.89 4.83 -4.12
N GLY A 294 -3.72 4.78 -2.79
CA GLY A 294 -4.13 3.65 -1.96
C GLY A 294 -5.60 3.31 -2.00
N GLY A 295 -5.89 2.02 -1.89
CA GLY A 295 -7.26 1.50 -1.89
C GLY A 295 -8.12 1.92 -0.71
N LYS A 296 -7.50 2.41 0.37
CA LYS A 296 -8.27 3.01 1.46
C LYS A 296 -8.96 4.30 1.01
N TYR A 297 -8.37 4.95 0.01
CA TYR A 297 -8.78 6.29 -0.41
C TYR A 297 -9.38 6.38 -1.81
N MET A 298 -9.05 5.42 -2.69
CA MET A 298 -9.44 5.51 -4.11
C MET A 298 -10.95 5.56 -4.33
N GLY A 299 -11.66 4.61 -3.72
CA GLY A 299 -13.13 4.58 -3.79
C GLY A 299 -13.78 5.85 -3.26
N GLU A 300 -13.23 6.38 -2.15
CA GLU A 300 -13.70 7.63 -1.57
C GLU A 300 -13.48 8.83 -2.49
N LEU A 301 -12.34 8.87 -3.19
CA LEU A 301 -12.10 9.88 -4.22
C LEU A 301 -13.17 9.84 -5.32
N VAL A 302 -13.47 8.64 -5.81
CA VAL A 302 -14.53 8.44 -6.80
C VAL A 302 -15.88 8.94 -6.27
N ARG A 303 -16.22 8.58 -5.03
CA ARG A 303 -17.48 9.02 -4.40
C ARG A 303 -17.65 10.54 -4.43
N LEU A 304 -16.58 11.26 -4.05
CA LEU A 304 -16.58 12.72 -4.02
C LEU A 304 -16.70 13.36 -5.40
N VAL A 305 -16.08 12.73 -6.41
CA VAL A 305 -16.25 13.12 -7.80
C VAL A 305 -17.71 12.96 -8.22
N LEU A 306 -18.30 11.81 -7.91
CA LEU A 306 -19.71 11.56 -8.21
C LEU A 306 -20.64 12.58 -7.56
N LEU A 307 -20.33 12.96 -6.32
CA LEU A 307 -21.10 13.97 -5.58
C LEU A 307 -21.02 15.37 -6.20
N ARG A 308 -19.84 15.71 -6.73
CA ARG A 308 -19.66 16.94 -7.52
C ARG A 308 -20.53 16.89 -8.78
N LEU A 309 -20.51 15.77 -9.49
CA LEU A 309 -21.30 15.60 -10.72
C LEU A 309 -22.80 15.67 -10.45
N VAL A 310 -23.23 15.05 -9.35
CA VAL A 310 -24.60 15.17 -8.82
C VAL A 310 -24.94 16.65 -8.57
N ASP A 311 -24.07 17.35 -7.85
CA ASP A 311 -24.28 18.79 -7.54
C ASP A 311 -24.39 19.68 -8.79
N GLU A 312 -23.70 19.29 -9.86
CA GLU A 312 -23.75 20.00 -11.14
C GLU A 312 -24.94 19.55 -12.00
N ASN A 313 -25.80 18.69 -11.45
CA ASN A 313 -26.95 18.11 -12.17
C ASN A 313 -26.52 17.32 -13.43
N LEU A 314 -25.41 16.59 -13.32
CA LEU A 314 -24.87 15.80 -14.44
C LEU A 314 -25.05 14.30 -14.21
N LEU A 315 -25.44 13.94 -13.00
CA LEU A 315 -25.63 12.56 -12.57
C LEU A 315 -26.85 12.42 -11.68
N PHE A 316 -27.56 11.30 -11.86
CA PHE A 316 -28.69 10.87 -11.00
C PHE A 316 -29.76 11.94 -10.76
N HIS A 317 -30.05 12.74 -11.79
CA HIS A 317 -31.00 13.87 -11.74
C HIS A 317 -30.67 14.92 -10.66
N GLY A 318 -29.41 14.96 -10.24
CA GLY A 318 -28.96 15.85 -9.18
C GLY A 318 -29.37 15.47 -7.78
N GLU A 319 -29.86 14.24 -7.60
CA GLU A 319 -30.22 13.75 -6.27
C GLU A 319 -29.51 12.45 -5.94
N ALA A 320 -28.65 12.51 -4.93
CA ALA A 320 -27.88 11.36 -4.48
C ALA A 320 -28.63 10.60 -3.39
N SER A 321 -28.46 9.28 -3.37
CA SER A 321 -29.05 8.41 -2.35
C SER A 321 -28.31 8.56 -1.01
N GLU A 322 -28.95 8.08 0.06
CA GLU A 322 -28.31 8.04 1.39
C GLU A 322 -26.97 7.28 1.37
N GLN A 323 -26.95 6.14 0.67
CA GLN A 323 -25.74 5.31 0.57
C GLN A 323 -24.61 6.01 -0.18
N LEU A 324 -24.94 6.73 -1.26
CA LEU A 324 -23.93 7.48 -2.02
C LEU A 324 -23.35 8.63 -1.18
N ARG A 325 -24.16 9.16 -0.27
CA ARG A 325 -23.73 10.22 0.64
C ARG A 325 -23.12 9.71 1.96
N THR A 326 -22.88 8.40 2.04
CA THR A 326 -22.27 7.76 3.20
C THR A 326 -20.75 7.64 2.99
N ARG A 327 -19.98 8.08 3.99
CA ARG A 327 -18.50 8.00 3.95
C ARG A 327 -18.04 6.55 3.78
N GLY A 328 -17.13 6.33 2.83
CA GLY A 328 -16.56 5.02 2.55
C GLY A 328 -17.43 4.04 1.79
N ALA A 329 -18.65 4.46 1.41
CA ALA A 329 -19.62 3.54 0.81
C ALA A 329 -19.29 3.14 -0.63
N PHE A 330 -18.61 4.01 -1.39
CA PHE A 330 -18.10 3.61 -2.69
C PHE A 330 -16.75 2.95 -2.46
N GLU A 331 -16.77 1.62 -2.37
CA GLU A 331 -15.58 0.82 -2.10
C GLU A 331 -14.65 0.80 -3.31
N THR A 332 -13.36 0.72 -3.04
CA THR A 332 -12.34 0.65 -4.10
C THR A 332 -12.57 -0.56 -5.03
N ARG A 333 -13.07 -1.66 -4.45
CA ARG A 333 -13.42 -2.84 -5.27
C ARG A 333 -14.52 -2.53 -6.30
N PHE A 334 -15.40 -1.57 -5.99
CA PHE A 334 -16.41 -1.08 -6.95
C PHE A 334 -15.76 -0.39 -8.14
N VAL A 335 -14.68 0.37 -7.89
CA VAL A 335 -13.90 1.04 -8.96
C VAL A 335 -13.36 0.00 -9.94
N SER A 336 -12.77 -1.08 -9.39
CA SER A 336 -12.28 -2.22 -10.17
C SER A 336 -13.40 -2.91 -10.96
N GLN A 337 -14.52 -3.18 -10.28
CA GLN A 337 -15.70 -3.82 -10.89
C GLN A 337 -16.32 -2.98 -12.02
N VAL A 338 -16.43 -1.66 -11.79
CA VAL A 338 -16.94 -0.72 -12.80
C VAL A 338 -16.07 -0.74 -14.07
N GLU A 339 -14.76 -0.71 -13.88
CA GLU A 339 -13.82 -0.70 -15.01
C GLU A 339 -13.64 -2.08 -15.65
N SER A 340 -14.23 -3.11 -15.05
CA SER A 340 -14.28 -4.46 -15.62
C SER A 340 -15.48 -4.69 -16.54
N ASP A 341 -16.40 -3.72 -16.58
CA ASP A 341 -17.59 -3.76 -17.43
C ASP A 341 -17.23 -3.96 -18.90
N THR A 342 -17.89 -4.93 -19.55
CA THR A 342 -17.59 -5.32 -20.94
C THR A 342 -18.18 -4.38 -22.00
N GLY A 343 -19.13 -3.55 -21.60
CA GLY A 343 -19.79 -2.61 -22.51
C GLY A 343 -21.30 -2.51 -22.35
N ASP A 344 -21.91 -3.57 -21.81
CA ASP A 344 -23.36 -3.63 -21.61
C ASP A 344 -23.88 -2.86 -20.38
N ARG A 345 -22.94 -2.33 -19.59
CA ARG A 345 -23.23 -1.50 -18.39
C ARG A 345 -23.79 -2.27 -17.18
N LYS A 346 -23.89 -3.60 -17.31
CA LYS A 346 -24.47 -4.46 -16.28
C LYS A 346 -23.74 -4.45 -14.94
N GLN A 347 -22.40 -4.54 -14.99
CA GLN A 347 -21.55 -4.47 -13.80
C GLN A 347 -21.73 -3.14 -13.07
N ILE A 348 -21.73 -2.05 -13.84
CA ILE A 348 -21.92 -0.69 -13.32
C ILE A 348 -23.31 -0.53 -12.69
N TYR A 349 -24.34 -0.98 -13.42
CA TYR A 349 -25.73 -0.93 -12.94
C TYR A 349 -25.92 -1.62 -11.58
N ASN A 350 -25.34 -2.81 -11.43
CA ASN A 350 -25.47 -3.61 -10.21
C ASN A 350 -24.90 -2.90 -8.97
N ILE A 351 -23.72 -2.31 -9.12
CA ILE A 351 -23.07 -1.54 -8.04
C ILE A 351 -23.93 -0.35 -7.63
N LEU A 352 -24.36 0.43 -8.62
CA LEU A 352 -25.16 1.64 -8.39
C LEU A 352 -26.54 1.32 -7.83
N SER A 353 -27.10 0.18 -8.24
CA SER A 353 -28.39 -0.29 -7.71
C SER A 353 -28.31 -0.64 -6.22
N THR A 354 -27.24 -1.32 -5.82
CA THR A 354 -26.99 -1.69 -4.41
C THR A 354 -26.70 -0.45 -3.55
N LEU A 355 -26.22 0.62 -4.20
CA LEU A 355 -26.05 1.92 -3.55
C LEU A 355 -27.33 2.77 -3.52
N GLY A 356 -28.47 2.15 -3.86
CA GLY A 356 -29.78 2.78 -3.76
C GLY A 356 -30.08 3.79 -4.86
N LEU A 357 -29.36 3.69 -5.97
CA LEU A 357 -29.55 4.58 -7.11
C LEU A 357 -30.37 3.90 -8.19
N ARG A 358 -30.97 4.71 -9.06
CA ARG A 358 -31.69 4.22 -10.24
C ARG A 358 -31.03 4.82 -11.49
N PRO A 359 -29.87 4.26 -11.90
CA PRO A 359 -29.08 4.91 -12.95
C PRO A 359 -29.61 4.66 -14.37
N SER A 360 -29.46 5.69 -15.22
CA SER A 360 -29.67 5.55 -16.65
C SER A 360 -28.40 4.96 -17.27
N THR A 361 -28.46 4.65 -18.57
CA THR A 361 -27.28 4.15 -19.29
C THR A 361 -26.13 5.15 -19.30
N THR A 362 -26.45 6.44 -19.48
CA THR A 362 -25.44 7.50 -19.45
C THR A 362 -24.87 7.75 -18.05
N ASP A 363 -25.71 7.63 -17.01
CA ASP A 363 -25.25 7.65 -15.60
C ASP A 363 -24.13 6.63 -15.40
N CYS A 364 -24.37 5.40 -15.86
CA CYS A 364 -23.38 4.31 -15.82
C CYS A 364 -22.08 4.67 -16.54
N ASP A 365 -22.20 5.27 -17.72
CA ASP A 365 -21.04 5.69 -18.53
C ASP A 365 -20.23 6.77 -17.83
N ILE A 366 -20.92 7.72 -17.22
CA ILE A 366 -20.30 8.81 -16.47
C ILE A 366 -19.53 8.27 -15.24
N VAL A 367 -20.16 7.34 -14.51
CA VAL A 367 -19.53 6.67 -13.37
C VAL A 367 -18.23 5.96 -13.80
N ARG A 368 -18.28 5.23 -14.92
CA ARG A 368 -17.09 4.60 -15.50
C ARG A 368 -15.97 5.59 -15.79
N ARG A 369 -16.32 6.71 -16.43
CA ARG A 369 -15.36 7.78 -16.73
C ARG A 369 -14.72 8.37 -15.46
N ALA A 370 -15.53 8.57 -14.42
CA ALA A 370 -15.03 9.05 -13.12
C ALA A 370 -14.05 8.05 -12.47
N CYS A 371 -14.40 6.76 -12.52
CA CYS A 371 -13.53 5.68 -12.04
C CYS A 371 -12.20 5.64 -12.78
N GLU A 372 -12.26 5.69 -14.11
CA GLU A 372 -11.08 5.71 -14.97
C GLU A 372 -10.17 6.90 -14.68
N SER A 373 -10.76 8.08 -14.44
CA SER A 373 -10.01 9.31 -14.15
C SER A 373 -9.20 9.19 -12.86
N VAL A 374 -9.83 8.70 -11.80
CA VAL A 374 -9.19 8.51 -10.49
C VAL A 374 -8.11 7.40 -10.54
N SER A 375 -8.45 6.25 -11.12
CA SER A 375 -7.53 5.11 -11.15
C SER A 375 -6.33 5.31 -12.07
N THR A 376 -6.54 6.03 -13.17
CA THR A 376 -5.45 6.40 -14.09
C THR A 376 -4.47 7.35 -13.41
N ARG A 377 -4.99 8.38 -12.72
CA ARG A 377 -4.13 9.29 -11.98
C ARG A 377 -3.32 8.55 -10.90
N ALA A 378 -3.98 7.63 -10.20
CA ALA A 378 -3.33 6.76 -9.21
C ALA A 378 -2.18 5.96 -9.83
N ALA A 379 -2.44 5.30 -10.96
CA ALA A 379 -1.41 4.52 -11.67
C ALA A 379 -0.23 5.38 -12.12
N HIS A 380 -0.53 6.56 -12.63
CA HIS A 380 0.50 7.49 -13.10
C HIS A 380 1.32 8.12 -11.97
N MET A 381 0.65 8.55 -10.90
CA MET A 381 1.35 9.04 -9.70
C MET A 381 2.27 7.99 -9.10
N CYS A 382 1.75 6.76 -8.96
CA CYS A 382 2.52 5.62 -8.45
C CYS A 382 3.75 5.33 -9.30
N SER A 383 3.59 5.45 -10.62
CA SER A 383 4.67 5.22 -11.58
C SER A 383 5.87 6.15 -11.38
N ALA A 384 5.58 7.42 -11.04
CA ALA A 384 6.62 8.40 -10.74
C ALA A 384 7.47 8.00 -9.54
N GLY A 385 6.81 7.42 -8.54
CA GLY A 385 7.47 6.89 -7.34
C GLY A 385 8.42 5.75 -7.66
N LEU A 386 7.90 4.71 -8.33
CA LEU A 386 8.73 3.54 -8.66
C LEU A 386 9.85 3.89 -9.63
N ALA A 387 9.54 4.73 -10.62
CA ALA A 387 10.54 5.26 -11.56
C ALA A 387 11.69 5.94 -10.84
N GLY A 388 11.36 6.75 -9.84
CA GLY A 388 12.34 7.39 -8.96
C GLY A 388 13.27 6.41 -8.29
N VAL A 389 12.70 5.36 -7.70
CA VAL A 389 13.47 4.28 -7.05
C VAL A 389 14.43 3.60 -8.05
N ILE A 390 13.88 3.19 -9.19
CA ILE A 390 14.60 2.42 -10.21
C ILE A 390 15.74 3.24 -10.84
N ASN A 391 15.47 4.49 -11.21
CA ASN A 391 16.49 5.38 -11.77
C ASN A 391 17.65 5.62 -10.78
N ARG A 392 17.31 5.81 -9.51
CA ARG A 392 18.30 5.97 -8.43
C ARG A 392 19.18 4.73 -8.26
N MET A 393 18.56 3.56 -8.32
CA MET A 393 19.28 2.29 -8.25
C MET A 393 20.26 2.13 -9.41
N ARG A 394 19.81 2.43 -10.64
CA ARG A 394 20.66 2.38 -11.83
C ARG A 394 21.89 3.29 -11.68
N GLU A 395 21.66 4.52 -11.20
CA GLU A 395 22.72 5.49 -10.96
C GLU A 395 23.71 5.00 -9.90
N SER A 396 23.17 4.54 -8.76
CA SER A 396 23.99 4.10 -7.62
C SER A 396 24.86 2.89 -7.95
N ARG A 397 24.36 2.02 -8.82
CA ARG A 397 25.05 0.80 -9.22
C ARG A 397 25.92 0.98 -10.45
N SER A 398 25.93 2.21 -10.98
CA SER A 398 26.75 2.62 -12.15
C SER A 398 26.60 1.69 -13.36
N GLU A 399 25.36 1.30 -13.64
CA GLU A 399 25.06 0.38 -14.75
C GLU A 399 24.52 1.15 -15.95
N ASP A 400 25.04 0.83 -17.13
CA ASP A 400 24.54 1.42 -18.38
C ASP A 400 23.10 0.96 -18.63
N VAL A 401 22.88 -0.35 -18.51
CA VAL A 401 21.55 -0.96 -18.60
C VAL A 401 21.31 -1.77 -17.32
N MET A 402 20.24 -1.43 -16.60
CA MET A 402 19.87 -2.20 -15.42
C MET A 402 18.70 -3.14 -15.70
N ARG A 403 18.91 -4.41 -15.38
CA ARG A 403 17.88 -5.43 -15.47
C ARG A 403 17.44 -5.79 -14.06
N ILE A 404 16.19 -5.46 -13.73
CA ILE A 404 15.67 -5.58 -12.37
C ILE A 404 14.28 -6.22 -12.33
N THR A 405 14.02 -6.98 -11.27
CA THR A 405 12.70 -7.54 -11.00
C THR A 405 12.05 -6.82 -9.81
N VAL A 406 10.80 -6.42 -10.00
CA VAL A 406 10.00 -5.76 -8.96
C VAL A 406 8.90 -6.73 -8.51
N GLY A 407 8.89 -7.05 -7.22
CA GLY A 407 7.84 -7.89 -6.62
C GLY A 407 6.71 -7.01 -6.10
N VAL A 408 5.47 -7.36 -6.45
CA VAL A 408 4.30 -6.54 -6.09
C VAL A 408 3.18 -7.35 -5.41
N ASP A 409 2.54 -6.72 -4.43
CA ASP A 409 1.34 -7.24 -3.79
C ASP A 409 0.34 -6.10 -3.60
N GLY A 410 -0.90 -6.44 -3.26
CA GLY A 410 -1.92 -5.43 -2.96
C GLY A 410 -3.12 -5.56 -3.88
N SER A 411 -4.29 -5.33 -3.30
CA SER A 411 -5.58 -5.51 -3.99
C SER A 411 -5.80 -4.57 -5.17
N VAL A 412 -5.29 -3.36 -5.08
CA VAL A 412 -5.39 -2.39 -6.20
C VAL A 412 -4.61 -2.91 -7.40
N TYR A 413 -3.33 -3.22 -7.21
CA TYR A 413 -2.47 -3.73 -8.29
C TYR A 413 -2.97 -5.08 -8.84
N LYS A 414 -3.33 -6.00 -7.96
CA LYS A 414 -3.71 -7.36 -8.36
C LYS A 414 -5.10 -7.45 -9.00
N LEU A 415 -6.07 -6.71 -8.47
CA LEU A 415 -7.49 -6.91 -8.83
C LEU A 415 -8.11 -5.88 -9.78
N HIS A 416 -7.54 -4.68 -9.87
CA HIS A 416 -8.03 -3.68 -10.83
C HIS A 416 -7.71 -4.15 -12.26
N PRO A 417 -8.69 -4.03 -13.19
CA PRO A 417 -8.48 -4.58 -14.54
C PRO A 417 -7.50 -3.81 -15.43
N SER A 418 -7.16 -2.59 -15.04
CA SER A 418 -6.41 -1.65 -15.89
C SER A 418 -5.19 -1.00 -15.22
N PHE A 419 -5.22 -0.90 -13.89
CA PHE A 419 -4.17 -0.23 -13.12
C PHE A 419 -2.77 -0.74 -13.49
N LYS A 420 -2.60 -2.06 -13.46
CA LYS A 420 -1.37 -2.77 -13.78
C LYS A 420 -0.80 -2.34 -15.14
N GLU A 421 -1.63 -2.41 -16.18
CA GLU A 421 -1.26 -2.02 -17.55
C GLU A 421 -0.79 -0.57 -17.65
N ARG A 422 -1.57 0.34 -17.07
CA ARG A 422 -1.26 1.78 -17.09
C ARG A 422 -0.01 2.10 -16.28
N PHE A 423 0.11 1.45 -15.12
CA PHE A 423 1.26 1.62 -14.23
C PHE A 423 2.57 1.17 -14.89
N HIS A 424 2.59 -0.08 -15.36
CA HIS A 424 3.76 -0.66 -16.07
C HIS A 424 4.25 0.21 -17.24
N ALA A 425 3.31 0.64 -18.08
CA ALA A 425 3.62 1.44 -19.27
C ALA A 425 4.24 2.79 -18.92
N SER A 426 3.72 3.42 -17.86
CA SER A 426 4.25 4.69 -17.38
C SER A 426 5.62 4.57 -16.70
N VAL A 427 5.79 3.59 -15.81
CA VAL A 427 7.09 3.30 -15.16
C VAL A 427 8.20 3.14 -16.23
N ARG A 428 7.91 2.30 -17.22
CA ARG A 428 8.82 2.02 -18.33
C ARG A 428 9.20 3.27 -19.15
N ARG A 429 8.21 4.11 -19.44
CA ARG A 429 8.48 5.40 -20.10
C ARG A 429 9.44 6.28 -19.30
N LEU A 430 9.30 6.24 -17.96
CA LEU A 430 10.04 7.10 -17.06
C LEU A 430 11.38 6.53 -16.58
N THR A 431 11.70 5.31 -17.01
CA THR A 431 12.97 4.66 -16.63
C THR A 431 13.81 4.27 -17.86
N PRO A 432 14.54 5.25 -18.45
CA PRO A 432 15.38 4.93 -19.62
C PRO A 432 16.51 3.95 -19.27
N SER A 433 16.82 3.06 -20.22
CA SER A 433 17.89 2.04 -20.07
C SER A 433 17.69 1.08 -18.88
N CYS A 434 16.42 0.76 -18.61
CA CYS A 434 16.04 -0.22 -17.59
C CYS A 434 15.13 -1.29 -18.19
N GLU A 435 15.47 -2.55 -17.93
CA GLU A 435 14.60 -3.69 -18.28
C GLU A 435 13.94 -4.19 -16.99
N ILE A 436 12.66 -3.86 -16.85
CA ILE A 436 11.92 -4.19 -15.63
C ILE A 436 10.99 -5.39 -15.84
N THR A 437 11.14 -6.37 -14.95
CA THR A 437 10.24 -7.52 -14.88
C THR A 437 9.41 -7.36 -13.61
N PHE A 438 8.09 -7.44 -13.77
CA PHE A 438 7.16 -7.38 -12.64
C PHE A 438 6.65 -8.78 -12.32
N ILE A 439 6.73 -9.15 -11.05
CA ILE A 439 6.16 -10.42 -10.58
C ILE A 439 5.23 -10.21 -9.37
N GLU A 440 4.22 -11.06 -9.26
CA GLU A 440 3.20 -10.97 -8.20
C GLU A 440 3.48 -11.92 -7.06
N SER A 441 3.26 -11.42 -5.84
CA SER A 441 3.39 -12.19 -4.60
C SER A 441 2.20 -13.15 -4.45
N GLU A 442 2.24 -14.25 -5.19
CA GLU A 442 1.15 -15.25 -5.23
C GLU A 442 0.98 -15.95 -3.88
N GLU A 443 2.09 -16.38 -3.29
CA GLU A 443 2.15 -16.83 -1.90
C GLU A 443 2.33 -15.56 -1.05
N GLY A 444 1.51 -15.44 -0.02
CA GLY A 444 1.40 -14.22 0.79
C GLY A 444 2.64 -13.78 1.56
N SER A 445 2.50 -12.69 2.31
CA SER A 445 3.60 -12.09 3.10
C SER A 445 4.28 -13.07 4.05
N GLY A 446 3.51 -14.05 4.51
CA GLY A 446 3.96 -15.07 5.46
C GLY A 446 5.21 -15.82 5.08
N ARG A 447 5.31 -16.19 3.81
CA ARG A 447 6.52 -16.86 3.29
C ARG A 447 7.74 -15.94 3.38
N GLY A 448 7.57 -14.68 3.00
CA GLY A 448 8.62 -13.66 3.09
C GLY A 448 9.10 -13.42 4.52
N ALA A 449 8.14 -13.28 5.43
CA ALA A 449 8.45 -13.13 6.87
C ALA A 449 9.20 -14.33 7.45
N ALA A 450 8.81 -15.54 7.03
CA ALA A 450 9.42 -16.78 7.54
C ALA A 450 10.83 -16.99 6.99
N LEU A 451 11.04 -16.67 5.71
CA LEU A 451 12.37 -16.74 5.11
C LEU A 451 13.36 -15.79 5.79
N VAL A 452 12.89 -14.58 6.13
CA VAL A 452 13.66 -13.64 6.95
C VAL A 452 13.93 -14.21 8.34
N SER A 453 12.88 -14.73 9.00
CA SER A 453 13.00 -15.35 10.32
C SER A 453 14.01 -16.50 10.37
N ALA A 454 14.03 -17.30 9.31
CA ALA A 454 14.94 -18.46 9.18
C ALA A 454 16.42 -18.08 9.20
N VAL A 455 16.72 -16.86 8.75
CA VAL A 455 18.07 -16.31 8.83
C VAL A 455 18.24 -15.55 10.15
N ALA A 456 17.25 -14.72 10.51
CA ALA A 456 17.31 -13.85 11.70
C ALA A 456 17.45 -14.60 13.03
N CYS A 457 16.86 -15.79 13.12
CA CYS A 457 16.85 -16.60 14.35
C CYS A 457 18.24 -17.13 14.78
N LYS A 458 19.24 -16.95 13.92
CA LYS A 458 20.64 -17.26 14.21
C LYS A 458 21.22 -16.30 15.24
C1 GLC B . 1.31 2.45 4.53
C2 GLC B . 2.33 2.07 5.61
C3 GLC B . 3.49 1.27 5.01
C4 GLC B . 2.96 0.06 4.22
C5 GLC B . 1.88 0.49 3.21
C6 GLC B . 1.20 -0.67 2.49
O1 GLC B . 1.89 3.37 3.59
O2 GLC B . 2.79 3.28 6.23
O3 GLC B . 4.38 0.83 6.04
O4 GLC B . 4.05 -0.60 3.56
O5 GLC B . 0.85 1.27 3.86
O6 GLC B . 0.58 -1.54 3.45
S DMS C . -3.54 -5.22 1.30
O DMS C . -4.06 -3.98 1.93
C1 DMS C . -4.43 -5.52 -0.11
C2 DMS C . -2.00 -4.95 0.66
C18 HKG D . 18.81 -10.76 7.47
N5 HKG D . 16.67 -13.39 3.98
C13 HKG D . 20.56 -11.56 -2.12
C12 HKG D . 20.82 -12.51 -1.13
C16 HKG D . 18.20 -11.34 5.50
C15 HKG D . 18.87 -10.57 -0.83
C11 HKG D . 20.08 -12.47 0.07
C10 HKG D . 19.08 -11.49 0.21
C22 HKG D . 19.09 -10.01 9.92
C6 HKG D . 16.03 -14.33 3.25
C1 HKG D . 16.13 -14.35 1.85
C4 HKG D . 17.42 -12.44 3.35
C21 HKG D . 19.67 -10.01 8.48
C2 HKG D . 16.89 -13.38 1.19
C3 HKG D . 17.56 -12.40 1.95
N7 HKG D . 18.08 -11.47 4.13
S8 HKG D . 15.26 -15.60 0.96
O9 HKG D . 18.33 -11.40 1.37
N14 HKG D . 19.59 -10.61 -1.97
N17 HKG D . 19.03 -10.59 6.18
N19 HKG D . 17.88 -11.58 7.92
S20 HKG D . 17.15 -12.24 6.53
C23 HKG D . 20.07 -9.48 11.01
N24 HKG D . 21.37 -10.16 10.84
C25 HKG D . 22.03 -9.90 9.54
C26 HKG D . 21.14 -10.52 8.43
C27 HKG D . 16.50 -16.62 0.20
N28 HKG D . 17.80 -16.51 0.62
C29 HKG D . 18.77 -17.28 0.04
C30 HKG D . 18.47 -18.20 -0.98
C31 HKG D . 17.14 -18.32 -1.42
C32 HKG D . 16.14 -17.52 -0.82
C33 HKG D . 21.92 -10.97 11.80
C34 HKG D . 23.27 -11.65 11.57
O35 HKG D . 21.37 -11.19 12.89
C36 HKG D . 17.82 -9.48 -0.73
#